data_3TQQ
#
_entry.id   3TQQ
#
_cell.length_a   51.820
_cell.length_b   56.295
_cell.length_c   62.868
_cell.angle_alpha   90.000
_cell.angle_beta   113.660
_cell.angle_gamma   90.000
#
_symmetry.space_group_name_H-M   'P 1 21 1'
#
loop_
_entity.id
_entity.type
_entity.pdbx_description
1 polymer 'Methionyl-tRNA formyltransferase'
2 non-polymer 'POTASSIUM ION'
3 water water
#
_entity_poly.entity_id   1
_entity_poly.type   'polypeptide(L)'
_entity_poly.pdbx_seq_one_letter_code
;(MSE)SLKIVFAGTPQFAVPTLRALIDSSHRVLAVYTQPDRPSGRGQKI(MSE)ESPVKEIARQNEIPIIQPFSLRDEVE
QEKLIA(MSE)NADV(MSE)VVVAYGLILPKKALNAFRLGCVNVHASLLPRWRGAAPIQRAILAGDRETGISI(MSE)Q
(MSE)NEGLDTGDVLAKSACVISSEDTAADLHDRLSLIGADLLLESLAKLEKGDIKLEKQDEASATYASKIQKQEALIDW
RKSAVEIARQVRAFNPTPIAFTYFEGQP(MSE)RIWRATVVDEKTDFEPGVLVDADKKGISIAAGSGILRLHQLQLPGKR
VCSAGDFINAHGDKLIPGKTVFG
;
_entity_poly.pdbx_strand_id   A
#
loop_
_chem_comp.id
_chem_comp.type
_chem_comp.name
_chem_comp.formula
K non-polymer 'POTASSIUM ION' 'K 1'
#
# COMPACT_ATOMS: atom_id res chain seq x y z
N MSE A 1 -11.81 -25.24 18.09
CA MSE A 1 -10.63 -24.44 18.42
C MSE A 1 -11.00 -23.16 19.14
O MSE A 1 -11.14 -23.14 20.37
CB MSE A 1 -9.84 -24.11 17.16
CG MSE A 1 -8.55 -23.38 17.42
SE MSE A 1 -7.65 -22.82 15.79
CE MSE A 1 -7.70 -24.53 14.84
N SER A 2 -11.15 -22.08 18.37
CA SER A 2 -11.53 -20.77 18.90
C SER A 2 -10.45 -20.11 19.76
N LEU A 3 -9.85 -19.06 19.23
CA LEU A 3 -8.84 -18.29 19.95
C LEU A 3 -9.40 -16.99 20.50
N LYS A 4 -8.79 -16.49 21.56
CA LYS A 4 -9.08 -15.16 22.07
C LYS A 4 -8.06 -14.19 21.49
N ILE A 5 -8.56 -13.16 20.82
CA ILE A 5 -7.71 -12.32 19.99
C ILE A 5 -7.90 -10.86 20.33
N VAL A 6 -6.79 -10.14 20.46
CA VAL A 6 -6.84 -8.68 20.43
C VAL A 6 -6.45 -8.23 19.01
N PHE A 7 -7.27 -7.40 18.41
CA PHE A 7 -7.00 -6.93 17.05
C PHE A 7 -6.58 -5.46 17.08
N ALA A 8 -5.59 -5.11 16.25
CA ALA A 8 -5.13 -3.73 16.18
C ALA A 8 -4.94 -3.36 14.73
N GLY A 9 -5.58 -2.28 14.30
CA GLY A 9 -5.52 -1.84 12.92
C GLY A 9 -6.32 -0.57 12.76
N THR A 10 -6.17 0.11 11.62
CA THR A 10 -6.80 1.41 11.46
C THR A 10 -7.50 1.64 10.11
N PRO A 11 -6.75 1.64 8.99
CA PRO A 11 -7.33 2.03 7.70
C PRO A 11 -8.10 0.89 7.03
N GLN A 12 -8.62 1.14 5.84
CA GLN A 12 -9.43 0.13 5.14
C GLN A 12 -8.70 -1.20 4.88
N PHE A 13 -7.38 -1.18 4.70
CA PHE A 13 -6.63 -2.42 4.45
C PHE A 13 -6.87 -3.49 5.54
N ALA A 14 -7.14 -3.02 6.76
CA ALA A 14 -7.28 -3.93 7.90
C ALA A 14 -8.68 -4.55 8.00
N VAL A 15 -9.65 -3.94 7.33
CA VAL A 15 -11.05 -4.29 7.59
C VAL A 15 -11.41 -5.75 7.27
N PRO A 16 -10.98 -6.25 6.08
CA PRO A 16 -11.33 -7.63 5.71
C PRO A 16 -10.80 -8.65 6.70
N THR A 17 -9.59 -8.42 7.20
CA THR A 17 -9.04 -9.33 8.20
C THR A 17 -9.89 -9.30 9.48
N LEU A 18 -10.21 -8.11 9.95
CA LEU A 18 -11.10 -7.99 11.11
C LEU A 18 -12.43 -8.67 10.83
N ARG A 19 -12.99 -8.46 9.64
CA ARG A 19 -14.28 -9.06 9.33
C ARG A 19 -14.18 -10.58 9.33
N ALA A 20 -13.05 -11.11 8.85
CA ALA A 20 -12.84 -12.55 8.81
C ALA A 20 -12.78 -13.13 10.23
N LEU A 21 -12.17 -12.37 11.14
CA LEU A 21 -12.13 -12.77 12.54
C LEU A 21 -13.51 -12.66 13.16
N ILE A 22 -14.23 -11.59 12.83
CA ILE A 22 -15.61 -11.44 13.28
C ILE A 22 -16.53 -12.55 12.78
N ASP A 23 -16.36 -12.99 11.54
CA ASP A 23 -17.22 -14.03 11.00
C ASP A 23 -16.84 -15.44 11.47
N SER A 24 -15.67 -15.57 12.08
CA SER A 24 -15.16 -16.87 12.53
C SER A 24 -15.68 -17.21 13.92
N SER A 25 -15.20 -18.29 14.51
CA SER A 25 -15.55 -18.63 15.89
C SER A 25 -14.57 -18.05 16.93
N HIS A 26 -13.47 -17.45 16.46
CA HIS A 26 -12.51 -16.82 17.38
C HIS A 26 -13.16 -15.67 18.11
N ARG A 27 -12.65 -15.31 19.28
CA ARG A 27 -13.27 -14.20 20.00
C ARG A 27 -12.38 -12.97 19.96
N VAL A 28 -12.83 -11.95 19.27
CA VAL A 28 -12.12 -10.69 19.24
C VAL A 28 -12.49 -9.94 20.51
N LEU A 29 -11.58 -9.95 21.49
CA LEU A 29 -11.82 -9.35 22.81
C LEU A 29 -11.87 -7.82 22.74
N ALA A 30 -11.03 -7.24 21.89
CA ALA A 30 -10.96 -5.79 21.76
C ALA A 30 -10.34 -5.42 20.43
N VAL A 31 -10.64 -4.22 19.97
CA VAL A 31 -10.00 -3.68 18.79
C VAL A 31 -9.28 -2.39 19.14
N TYR A 32 -7.98 -2.34 18.85
CA TYR A 32 -7.20 -1.12 18.98
C TYR A 32 -7.16 -0.37 17.64
N THR A 33 -7.44 0.93 17.68
CA THR A 33 -7.44 1.78 16.49
C THR A 33 -6.97 3.18 16.81
N GLN A 34 -6.56 3.92 15.78
CA GLN A 34 -6.19 5.33 15.92
C GLN A 34 -7.29 6.13 16.61
N PRO A 35 -6.91 7.04 17.52
CA PRO A 35 -7.88 7.95 18.13
C PRO A 35 -8.68 8.71 17.06
N ASP A 36 -9.91 9.09 17.36
CA ASP A 36 -10.76 9.77 16.39
C ASP A 36 -10.15 11.10 15.91
N GLU A 47 -13.88 8.92 12.31
CA GLU A 47 -13.44 7.63 12.85
C GLU A 47 -12.86 6.72 11.77
N SER A 48 -12.04 5.77 12.17
CA SER A 48 -11.41 4.85 11.23
C SER A 48 -12.39 3.81 10.74
N PRO A 49 -12.13 3.22 9.56
CA PRO A 49 -12.97 2.14 9.05
C PRO A 49 -13.03 1.00 10.07
N VAL A 50 -11.91 0.74 10.72
CA VAL A 50 -11.85 -0.34 11.71
C VAL A 50 -12.76 -0.09 12.91
N LYS A 51 -12.81 1.15 13.38
CA LYS A 51 -13.71 1.49 14.49
C LYS A 51 -15.15 1.24 14.10
N GLU A 52 -15.52 1.66 12.89
CA GLU A 52 -16.87 1.45 12.39
C GLU A 52 -17.28 -0.02 12.46
N ILE A 53 -16.45 -0.93 11.95
CA ILE A 53 -16.82 -2.34 11.89
C ILE A 53 -16.84 -2.96 13.30
N ALA A 54 -15.95 -2.48 14.17
CA ALA A 54 -15.96 -2.92 15.56
C ALA A 54 -17.30 -2.56 16.23
N ARG A 55 -17.74 -1.33 16.06
CA ARG A 55 -18.98 -0.87 16.68
C ARG A 55 -20.19 -1.65 16.16
N GLN A 56 -20.21 -1.90 14.86
CA GLN A 56 -21.31 -2.64 14.24
C GLN A 56 -21.38 -4.09 14.74
N ASN A 57 -20.31 -4.54 15.39
CA ASN A 57 -20.23 -5.92 15.85
C ASN A 57 -20.00 -6.08 17.35
N GLU A 58 -20.27 -5.03 18.11
CA GLU A 58 -20.28 -5.06 19.58
C GLU A 58 -18.91 -5.35 20.17
N ILE A 59 -17.85 -5.00 19.44
CA ILE A 59 -16.49 -5.19 19.97
C ILE A 59 -16.01 -3.92 20.65
N PRO A 60 -15.51 -4.05 21.89
CA PRO A 60 -14.95 -2.92 22.65
C PRO A 60 -13.82 -2.24 21.87
N ILE A 61 -13.82 -0.92 21.86
CA ILE A 61 -12.90 -0.14 21.06
C ILE A 61 -11.91 0.60 21.97
N ILE A 62 -10.62 0.39 21.75
CA ILE A 62 -9.58 1.05 22.54
C ILE A 62 -8.75 1.94 21.62
N GLN A 63 -8.60 3.21 21.99
CA GLN A 63 -7.88 4.15 21.15
C GLN A 63 -6.81 4.92 21.92
N PRO A 64 -5.71 4.23 22.28
CA PRO A 64 -4.60 4.92 22.94
C PRO A 64 -3.85 5.80 21.94
N PHE A 65 -3.26 6.89 22.43
CA PHE A 65 -2.40 7.72 21.60
C PHE A 65 -1.01 7.12 21.60
N SER A 66 -0.72 6.31 22.61
CA SER A 66 0.59 5.71 22.82
C SER A 66 0.47 4.42 23.61
N LEU A 67 1.29 3.42 23.26
CA LEU A 67 1.28 2.16 23.99
C LEU A 67 2.49 2.00 24.90
N ARG A 68 3.25 3.08 25.08
CA ARG A 68 4.38 3.05 26.01
C ARG A 68 3.94 3.50 27.40
N ASP A 69 2.85 4.26 27.45
CA ASP A 69 2.29 4.71 28.71
C ASP A 69 1.95 3.52 29.60
N GLU A 70 2.48 3.55 30.83
CA GLU A 70 2.23 2.50 31.81
C GLU A 70 0.80 1.98 31.75
N VAL A 71 -0.16 2.89 31.89
CA VAL A 71 -1.57 2.52 31.98
C VAL A 71 -2.04 1.71 30.78
N GLU A 72 -1.91 2.30 29.59
CA GLU A 72 -2.39 1.64 28.37
C GLU A 72 -1.67 0.31 28.13
N GLN A 73 -0.39 0.27 28.44
CA GLN A 73 0.40 -0.94 28.26
C GLN A 73 -0.10 -2.10 29.11
N GLU A 74 -0.44 -1.80 30.37
CA GLU A 74 -0.88 -2.85 31.29
C GLU A 74 -2.34 -3.25 31.06
N LYS A 75 -3.14 -2.31 30.57
CA LYS A 75 -4.51 -2.60 30.18
C LYS A 75 -4.51 -3.64 29.06
N LEU A 76 -3.61 -3.48 28.09
CA LEU A 76 -3.48 -4.42 26.98
C LEU A 76 -2.97 -5.79 27.42
N ILE A 77 -1.86 -5.82 28.14
CA ILE A 77 -1.28 -7.10 28.55
C ILE A 77 -2.19 -7.85 29.53
N ALA A 78 -3.09 -7.14 30.18
CA ALA A 78 -4.00 -7.74 31.15
C ALA A 78 -5.22 -8.39 30.52
N MSE A 79 -5.29 -8.39 29.19
CA MSE A 79 -6.49 -8.87 28.50
C MSE A 79 -6.64 -10.38 28.51
O MSE A 79 -7.75 -10.90 28.49
CB MSE A 79 -6.52 -8.33 27.08
CG MSE A 79 -6.56 -6.82 27.02
SE MSE A 79 -7.93 -6.15 25.82
CE MSE A 79 -7.96 -4.29 26.40
N ASN A 80 -5.51 -11.08 28.56
CA ASN A 80 -5.52 -12.53 28.55
C ASN A 80 -6.06 -13.08 27.23
N ALA A 81 -5.49 -12.60 26.14
CA ALA A 81 -5.78 -13.15 24.82
C ALA A 81 -4.78 -14.26 24.54
N ASP A 82 -5.08 -15.08 23.54
CA ASP A 82 -4.13 -16.08 23.07
C ASP A 82 -3.15 -15.44 22.11
N VAL A 83 -3.61 -14.43 21.40
CA VAL A 83 -2.81 -13.83 20.34
C VAL A 83 -3.28 -12.40 20.04
N MSE A 84 -2.37 -11.58 19.55
CA MSE A 84 -2.73 -10.26 19.05
C MSE A 84 -2.50 -10.24 17.55
O MSE A 84 -1.43 -10.62 17.07
CB MSE A 84 -1.86 -9.19 19.71
CG MSE A 84 -2.25 -7.77 19.33
SE MSE A 84 -1.24 -6.45 20.36
CE MSE A 84 -2.28 -4.87 19.89
N VAL A 85 -3.53 -9.82 16.82
CA VAL A 85 -3.44 -9.72 15.36
C VAL A 85 -3.36 -8.25 14.96
N VAL A 86 -2.32 -7.92 14.20
CA VAL A 86 -2.03 -6.52 13.86
C VAL A 86 -2.01 -6.31 12.36
N VAL A 87 -2.85 -5.40 11.87
CA VAL A 87 -2.88 -5.06 10.44
C VAL A 87 -2.95 -3.55 10.25
N ALA A 88 -1.90 -2.97 9.65
CA ALA A 88 -1.83 -1.53 9.42
C ALA A 88 -2.19 -0.73 10.68
N TYR A 89 -1.43 -0.96 11.74
CA TYR A 89 -1.59 -0.19 12.98
C TYR A 89 -0.42 0.76 13.13
N GLY A 90 -0.72 2.00 13.55
CA GLY A 90 0.27 3.07 13.56
C GLY A 90 1.20 3.14 14.74
N LEU A 91 0.86 2.46 15.83
CA LEU A 91 1.67 2.51 17.03
C LEU A 91 2.67 1.36 17.08
N ILE A 92 3.88 1.66 17.55
CA ILE A 92 4.90 0.65 17.78
C ILE A 92 4.51 -0.16 19.01
N LEU A 93 4.62 -1.48 18.92
CA LEU A 93 4.30 -2.34 20.06
C LEU A 93 5.53 -2.54 20.94
N PRO A 94 5.41 -2.16 22.21
CA PRO A 94 6.46 -2.32 23.22
C PRO A 94 6.81 -3.78 23.48
N LYS A 95 8.03 -4.02 23.91
CA LYS A 95 8.51 -5.37 24.21
C LYS A 95 7.51 -6.19 25.04
N LYS A 96 6.96 -5.59 26.10
CA LYS A 96 6.01 -6.29 26.96
C LYS A 96 4.75 -6.69 26.19
N ALA A 97 4.27 -5.80 25.34
CA ALA A 97 3.13 -6.11 24.48
C ALA A 97 3.39 -7.36 23.64
N LEU A 98 4.61 -7.49 23.15
CA LEU A 98 4.99 -8.62 22.28
C LEU A 98 5.07 -9.94 23.06
N ASN A 99 5.33 -9.85 24.35
CA ASN A 99 5.46 -11.04 25.19
C ASN A 99 4.22 -11.26 26.04
N ALA A 100 3.17 -10.50 25.75
CA ALA A 100 1.95 -10.51 26.55
C ALA A 100 1.12 -11.77 26.37
N PHE A 101 1.09 -12.31 25.15
CA PHE A 101 0.21 -13.43 24.85
C PHE A 101 0.98 -14.66 24.37
N ARG A 102 0.45 -15.84 24.63
CA ARG A 102 1.20 -17.07 24.37
C ARG A 102 1.59 -17.26 22.91
N LEU A 103 0.74 -16.82 21.99
CA LEU A 103 1.05 -16.93 20.56
C LEU A 103 1.73 -15.67 19.99
N GLY A 104 1.98 -14.69 20.85
CA GLY A 104 2.66 -13.47 20.45
C GLY A 104 1.82 -12.51 19.62
N CYS A 105 2.49 -11.63 18.88
CA CYS A 105 1.82 -10.69 18.00
C CYS A 105 2.06 -11.05 16.55
N VAL A 106 0.99 -11.23 15.80
CA VAL A 106 1.08 -11.68 14.41
C VAL A 106 0.61 -10.60 13.45
N ASN A 107 1.41 -10.34 12.43
CA ASN A 107 1.14 -9.24 11.49
C ASN A 107 0.78 -9.74 10.09
N VAL A 108 -0.10 -9.00 9.41
CA VAL A 108 -0.40 -9.26 8.00
C VAL A 108 0.30 -8.19 7.16
N HIS A 109 1.41 -8.59 6.53
CA HIS A 109 2.26 -7.65 5.78
C HIS A 109 2.06 -7.78 4.27
N ALA A 110 1.96 -6.64 3.60
CA ALA A 110 1.62 -6.60 2.17
C ALA A 110 2.81 -6.74 1.23
N SER A 111 3.64 -7.74 1.46
CA SER A 111 4.68 -8.12 0.49
C SER A 111 5.13 -9.55 0.75
N LEU A 112 5.96 -10.07 -0.14
CA LEU A 112 6.54 -11.38 0.06
C LEU A 112 7.90 -11.22 0.73
N LEU A 113 7.89 -11.11 2.07
CA LEU A 113 9.11 -10.95 2.87
C LEU A 113 10.13 -12.04 2.52
N PRO A 114 11.43 -11.71 2.54
CA PRO A 114 12.03 -10.46 3.05
C PRO A 114 11.96 -9.28 2.09
N ARG A 115 11.33 -9.43 0.93
CA ARG A 115 11.24 -8.32 -0.03
C ARG A 115 10.25 -7.29 0.49
N TRP A 116 10.62 -6.01 0.35
CA TRP A 116 9.77 -4.89 0.74
C TRP A 116 9.31 -4.89 2.19
N ARG A 117 10.27 -4.94 3.11
CA ARG A 117 10.01 -4.63 4.51
C ARG A 117 9.72 -3.12 4.59
N GLY A 118 8.90 -2.71 5.56
CA GLY A 118 8.65 -1.29 5.73
C GLY A 118 7.25 -0.80 5.38
N ALA A 119 7.11 0.50 5.17
CA ALA A 119 5.80 1.14 5.13
C ALA A 119 5.07 1.14 3.77
N ALA A 120 5.82 1.08 2.66
CA ALA A 120 5.18 1.23 1.34
C ALA A 120 5.41 0.07 0.36
N PRO A 121 5.17 -1.17 0.81
CA PRO A 121 5.45 -2.34 -0.03
C PRO A 121 4.61 -2.41 -1.30
N ILE A 122 3.39 -1.91 -1.27
CA ILE A 122 2.53 -1.95 -2.46
C ILE A 122 3.07 -0.98 -3.52
N GLN A 123 3.32 0.26 -3.12
CA GLN A 123 3.86 1.25 -4.04
C GLN A 123 5.20 0.79 -4.60
N ARG A 124 6.08 0.34 -3.72
CA ARG A 124 7.43 -0.05 -4.12
C ARG A 124 7.45 -1.22 -5.09
N ALA A 125 6.60 -2.22 -4.85
CA ALA A 125 6.51 -3.38 -5.73
C ALA A 125 6.13 -2.96 -7.15
N ILE A 126 5.08 -2.15 -7.27
CA ILE A 126 4.64 -1.66 -8.57
C ILE A 126 5.72 -0.81 -9.24
N LEU A 127 6.30 0.10 -8.47
CA LEU A 127 7.33 1.00 -8.98
C LEU A 127 8.52 0.25 -9.57
N ALA A 128 8.85 -0.90 -8.99
CA ALA A 128 9.98 -1.71 -9.43
C ALA A 128 9.61 -2.61 -10.61
N GLY A 129 8.33 -2.68 -10.92
CA GLY A 129 7.88 -3.58 -11.98
C GLY A 129 7.90 -5.04 -11.57
N ASP A 130 7.74 -5.30 -10.27
CA ASP A 130 7.59 -6.67 -9.82
C ASP A 130 6.41 -7.26 -10.55
N ARG A 131 6.53 -8.50 -11.02
CA ARG A 131 5.40 -9.14 -11.70
C ARG A 131 4.46 -9.85 -10.72
N GLU A 132 4.96 -10.09 -9.50
CA GLU A 132 4.10 -10.63 -8.45
C GLU A 132 4.50 -10.01 -7.11
N THR A 133 3.53 -9.96 -6.20
CA THR A 133 3.81 -9.64 -4.82
C THR A 133 2.94 -10.58 -3.99
N GLY A 134 2.61 -10.20 -2.76
CA GLY A 134 1.76 -11.07 -1.97
C GLY A 134 1.60 -10.66 -0.53
N ILE A 135 1.11 -11.60 0.28
CA ILE A 135 0.95 -11.37 1.71
C ILE A 135 1.91 -12.29 2.46
N SER A 136 2.52 -11.76 3.51
CA SER A 136 3.24 -12.60 4.46
C SER A 136 2.62 -12.44 5.85
N ILE A 137 2.31 -13.57 6.49
CA ILE A 137 1.92 -13.57 7.89
C ILE A 137 3.18 -13.69 8.73
N MSE A 138 3.44 -12.69 9.57
CA MSE A 138 4.74 -12.54 10.22
C MSE A 138 4.65 -12.51 11.73
O MSE A 138 3.82 -11.81 12.31
CB MSE A 138 5.39 -11.25 9.72
CG MSE A 138 6.83 -11.05 10.19
SE MSE A 138 7.44 -9.24 9.77
CE MSE A 138 6.27 -8.27 11.01
N GLN A 139 5.52 -13.28 12.38
CA GLN A 139 5.64 -13.21 13.84
C GLN A 139 6.38 -11.92 14.18
N MSE A 140 5.73 -11.04 14.93
CA MSE A 140 6.32 -9.73 15.18
C MSE A 140 7.41 -9.74 16.25
O MSE A 140 7.34 -10.51 17.22
CB MSE A 140 5.27 -8.70 15.56
CG MSE A 140 4.33 -8.35 14.43
SE MSE A 140 2.87 -7.18 15.02
CE MSE A 140 3.81 -5.47 15.09
N ASN A 141 8.42 -8.90 16.05
CA ASN A 141 9.42 -8.62 17.08
C ASN A 141 9.70 -7.11 17.17
N GLU A 142 10.86 -6.77 17.71
CA GLU A 142 11.21 -5.38 17.98
C GLU A 142 11.93 -4.71 16.79
N GLY A 143 12.24 -5.50 15.77
CA GLY A 143 12.80 -4.96 14.54
C GLY A 143 11.73 -4.54 13.55
N LEU A 144 12.14 -3.96 12.43
CA LEU A 144 11.20 -3.53 11.39
C LEU A 144 10.99 -4.64 10.37
N ASP A 145 9.87 -5.34 10.50
CA ASP A 145 9.48 -6.42 9.61
C ASP A 145 10.58 -7.48 9.38
N THR A 146 11.24 -7.89 10.46
CA THR A 146 12.28 -8.90 10.36
C THR A 146 11.85 -10.25 10.91
N GLY A 147 10.63 -10.32 11.44
CA GLY A 147 10.14 -11.52 12.09
C GLY A 147 9.96 -12.74 11.21
N ASP A 148 9.96 -13.91 11.85
CA ASP A 148 9.76 -15.18 11.15
C ASP A 148 8.46 -15.17 10.37
N VAL A 149 8.46 -15.79 9.20
CA VAL A 149 7.27 -15.84 8.37
C VAL A 149 6.50 -17.13 8.59
N LEU A 150 5.23 -17.02 8.99
CA LEU A 150 4.41 -18.18 9.24
C LEU A 150 3.80 -18.73 7.94
N ALA A 151 3.51 -17.83 7.00
CA ALA A 151 2.87 -18.21 5.74
C ALA A 151 2.94 -17.11 4.68
N LYS A 152 2.71 -17.51 3.44
CA LYS A 152 2.77 -16.61 2.29
C LYS A 152 1.73 -17.02 1.27
N SER A 153 1.26 -16.04 0.50
CA SER A 153 0.36 -16.28 -0.61
C SER A 153 0.61 -15.18 -1.66
N ALA A 154 0.87 -15.58 -2.89
CA ALA A 154 1.28 -14.62 -3.91
C ALA A 154 0.16 -14.26 -4.88
N CYS A 155 0.29 -13.10 -5.52
CA CYS A 155 -0.66 -12.69 -6.54
C CYS A 155 0.05 -11.88 -7.61
N VAL A 156 -0.48 -11.93 -8.83
CA VAL A 156 0.15 -11.26 -9.94
C VAL A 156 -0.13 -9.77 -9.86
N ILE A 157 0.81 -8.97 -10.33
CA ILE A 157 0.61 -7.55 -10.53
C ILE A 157 0.47 -7.32 -12.04
N SER A 158 -0.62 -6.67 -12.46
CA SER A 158 -0.83 -6.41 -13.89
C SER A 158 -0.51 -4.98 -14.24
N SER A 159 -0.23 -4.73 -15.52
CA SER A 159 0.11 -3.39 -15.96
C SER A 159 -1.13 -2.49 -15.95
N GLU A 160 -2.26 -3.06 -15.56
CA GLU A 160 -3.50 -2.30 -15.39
C GLU A 160 -3.64 -1.81 -13.96
N ASP A 161 -2.89 -2.40 -13.04
CA ASP A 161 -3.10 -2.15 -11.60
C ASP A 161 -2.49 -0.84 -11.12
N THR A 162 -3.29 -0.04 -10.42
CA THR A 162 -2.76 1.01 -9.57
C THR A 162 -2.50 0.42 -8.19
N ALA A 163 -1.86 1.20 -7.31
CA ALA A 163 -1.66 0.78 -5.92
C ALA A 163 -3.02 0.55 -5.25
N ALA A 164 -4.03 1.32 -5.64
CA ALA A 164 -5.36 1.12 -5.09
C ALA A 164 -5.90 -0.26 -5.43
N ASP A 165 -5.80 -0.65 -6.70
CA ASP A 165 -6.28 -1.95 -7.14
C ASP A 165 -5.57 -3.06 -6.37
N LEU A 166 -4.24 -2.97 -6.31
CA LEU A 166 -3.45 -3.99 -5.65
C LEU A 166 -3.74 -4.03 -4.15
N HIS A 167 -3.87 -2.86 -3.54
CA HIS A 167 -4.26 -2.73 -2.14
C HIS A 167 -5.53 -3.55 -1.85
N ASP A 168 -6.56 -3.35 -2.67
CA ASP A 168 -7.83 -4.04 -2.46
C ASP A 168 -7.67 -5.55 -2.59
N ARG A 169 -6.95 -5.98 -3.63
CA ARG A 169 -6.75 -7.40 -3.85
C ARG A 169 -6.02 -8.05 -2.67
N LEU A 170 -4.91 -7.44 -2.26
CA LEU A 170 -4.12 -7.95 -1.14
C LEU A 170 -4.91 -7.96 0.17
N SER A 171 -5.74 -6.94 0.40
CA SER A 171 -6.50 -6.87 1.64
C SER A 171 -7.34 -8.12 1.85
N LEU A 172 -7.94 -8.64 0.78
CA LEU A 172 -8.73 -9.86 0.84
C LEU A 172 -7.88 -11.11 1.00
N ILE A 173 -6.79 -11.20 0.25
CA ILE A 173 -5.90 -12.34 0.35
C ILE A 173 -5.36 -12.43 1.77
N GLY A 174 -5.04 -11.28 2.35
CA GLY A 174 -4.49 -11.23 3.71
C GLY A 174 -5.44 -11.77 4.76
N ALA A 175 -6.71 -11.42 4.63
CA ALA A 175 -7.75 -11.89 5.55
C ALA A 175 -7.80 -13.41 5.53
N ASP A 176 -7.95 -13.97 4.33
CA ASP A 176 -8.05 -15.43 4.17
C ASP A 176 -6.82 -16.14 4.72
N LEU A 177 -5.63 -15.66 4.35
CA LEU A 177 -4.39 -16.26 4.81
C LEU A 177 -4.23 -16.17 6.32
N LEU A 178 -4.57 -15.02 6.91
CA LEU A 178 -4.41 -14.88 8.35
C LEU A 178 -5.27 -15.91 9.07
N LEU A 179 -6.52 -16.01 8.64
CA LEU A 179 -7.45 -16.96 9.24
C LEU A 179 -6.92 -18.39 9.11
N GLU A 180 -6.49 -18.76 7.91
CA GLU A 180 -5.95 -20.10 7.68
C GLU A 180 -4.72 -20.36 8.53
N SER A 181 -3.91 -19.32 8.73
CA SER A 181 -2.69 -19.46 9.50
C SER A 181 -2.96 -19.61 11.01
N LEU A 182 -4.00 -18.93 11.51
CA LEU A 182 -4.33 -19.06 12.93
C LEU A 182 -4.78 -20.48 13.22
N ALA A 183 -5.46 -21.10 12.27
CA ALA A 183 -5.91 -22.48 12.41
C ALA A 183 -4.73 -23.45 12.47
N LYS A 184 -3.74 -23.27 11.60
CA LYS A 184 -2.56 -24.14 11.61
C LYS A 184 -1.69 -23.84 12.83
N LEU A 185 -1.69 -22.58 13.26
CA LEU A 185 -0.90 -22.15 14.41
C LEU A 185 -1.36 -22.80 15.73
N GLU A 186 -2.65 -23.05 15.86
CA GLU A 186 -3.16 -23.69 17.07
C GLU A 186 -3.10 -25.21 16.99
N LYS A 187 -2.95 -25.72 15.77
CA LYS A 187 -2.75 -27.15 15.58
C LYS A 187 -1.27 -27.51 15.70
N GLY A 188 -0.42 -26.50 15.61
CA GLY A 188 1.03 -26.71 15.64
C GLY A 188 1.52 -27.24 14.31
N ASP A 189 0.83 -26.87 13.23
CA ASP A 189 1.13 -27.39 11.90
C ASP A 189 1.84 -26.36 11.02
N ILE A 190 2.23 -25.24 11.61
CA ILE A 190 2.88 -24.19 10.83
C ILE A 190 4.40 -24.38 10.75
N LYS A 191 4.93 -24.21 9.55
CA LYS A 191 6.36 -24.32 9.31
C LYS A 191 6.96 -22.93 9.20
N LEU A 192 7.73 -22.54 10.21
CA LEU A 192 8.38 -21.23 10.23
C LEU A 192 9.39 -21.06 9.10
N GLU A 193 9.45 -19.86 8.55
CA GLU A 193 10.45 -19.53 7.54
C GLU A 193 11.22 -18.32 8.04
N LYS A 194 12.43 -18.53 8.52
CA LYS A 194 13.27 -17.41 8.95
C LYS A 194 13.67 -16.60 7.74
N GLN A 195 13.61 -15.27 7.89
CA GLN A 195 13.90 -14.37 6.78
C GLN A 195 15.37 -14.43 6.35
N ASP A 196 15.57 -14.61 5.04
CA ASP A 196 16.91 -14.60 4.44
C ASP A 196 17.34 -13.16 4.25
N GLU A 197 18.25 -12.70 5.11
CA GLU A 197 18.62 -11.29 5.16
C GLU A 197 19.22 -10.80 3.86
N ALA A 198 19.86 -11.69 3.11
CA ALA A 198 20.48 -11.35 1.85
C ALA A 198 19.46 -10.91 0.81
N SER A 199 18.22 -11.41 0.94
CA SER A 199 17.17 -11.09 -0.03
C SER A 199 16.29 -9.94 0.44
N ALA A 200 16.63 -9.39 1.61
CA ALA A 200 15.79 -8.34 2.19
C ALA A 200 15.95 -7.03 1.44
N THR A 201 14.81 -6.39 1.16
CA THR A 201 14.80 -5.04 0.59
C THR A 201 13.81 -4.21 1.38
N TYR A 202 13.97 -2.89 1.31
CA TYR A 202 13.18 -1.99 2.13
C TYR A 202 12.26 -1.09 1.32
N ALA A 203 10.99 -1.10 1.69
CA ALA A 203 9.97 -0.29 1.03
C ALA A 203 9.63 0.92 1.87
N SER A 204 10.51 1.92 1.86
CA SER A 204 10.30 3.13 2.64
C SER A 204 9.23 4.01 2.02
N LYS A 205 8.68 4.90 2.83
CA LYS A 205 7.63 5.80 2.35
C LYS A 205 8.08 6.60 1.13
N ILE A 206 7.13 6.89 0.24
CA ILE A 206 7.44 7.64 -0.97
C ILE A 206 7.72 9.11 -0.65
N GLN A 207 8.95 9.53 -0.87
CA GLN A 207 9.34 10.92 -0.69
C GLN A 207 8.76 11.73 -1.84
N LYS A 208 8.43 12.99 -1.59
CA LYS A 208 7.84 13.81 -2.63
C LYS A 208 8.71 13.90 -3.89
N GLN A 209 10.02 14.06 -3.72
CA GLN A 209 10.87 14.19 -4.91
C GLN A 209 10.84 12.93 -5.77
N GLU A 210 10.56 11.79 -5.15
CA GLU A 210 10.47 10.53 -5.88
C GLU A 210 9.24 10.51 -6.80
N ALA A 211 8.28 11.37 -6.50
CA ALA A 211 7.04 11.43 -7.29
C ALA A 211 7.20 12.29 -8.55
N LEU A 212 8.28 13.06 -8.60
CA LEU A 212 8.60 13.86 -9.78
C LEU A 212 8.93 12.96 -10.96
N ILE A 213 8.32 13.22 -12.10
CA ILE A 213 8.62 12.45 -13.31
C ILE A 213 9.94 12.91 -13.93
N ASP A 214 10.83 11.96 -14.17
CA ASP A 214 12.08 12.21 -14.89
C ASP A 214 11.85 11.75 -16.32
N TRP A 215 11.65 12.70 -17.23
CA TRP A 215 11.25 12.35 -18.59
C TRP A 215 12.33 11.60 -19.38
N ARG A 216 13.56 11.59 -18.88
CA ARG A 216 14.65 10.84 -19.51
C ARG A 216 14.48 9.33 -19.37
N LYS A 217 13.70 8.90 -18.37
CA LYS A 217 13.46 7.48 -18.12
C LYS A 217 12.58 6.91 -19.22
N SER A 218 12.52 5.58 -19.33
CA SER A 218 11.69 4.95 -20.35
C SER A 218 10.21 5.24 -20.06
N ALA A 219 9.40 5.26 -21.11
CA ALA A 219 7.97 5.47 -20.93
C ALA A 219 7.46 4.36 -20.01
N VAL A 220 8.02 3.16 -20.17
CA VAL A 220 7.63 2.04 -19.33
C VAL A 220 7.88 2.32 -17.85
N GLU A 221 9.06 2.86 -17.52
CA GLU A 221 9.38 3.18 -16.13
C GLU A 221 8.49 4.27 -15.56
N ILE A 222 8.22 5.30 -16.36
CA ILE A 222 7.39 6.40 -15.91
C ILE A 222 5.96 5.92 -15.65
N ALA A 223 5.45 5.11 -16.58
CA ALA A 223 4.11 4.54 -16.43
C ALA A 223 3.97 3.73 -15.13
N ARG A 224 5.02 3.02 -14.74
CA ARG A 224 4.98 2.30 -13.47
C ARG A 224 4.89 3.25 -12.29
N GLN A 225 5.64 4.34 -12.37
CA GLN A 225 5.61 5.40 -11.36
C GLN A 225 4.19 5.98 -11.23
N VAL A 226 3.57 6.28 -12.37
CA VAL A 226 2.20 6.80 -12.39
C VAL A 226 1.20 5.82 -11.75
N ARG A 227 1.38 4.54 -12.01
CA ARG A 227 0.52 3.51 -11.42
C ARG A 227 0.81 3.32 -9.92
N ALA A 228 2.08 3.20 -9.58
CA ALA A 228 2.49 2.97 -8.20
C ALA A 228 2.00 4.07 -7.26
N PHE A 229 1.94 5.29 -7.78
CA PHE A 229 1.70 6.46 -6.94
C PHE A 229 0.25 6.95 -6.97
N ASN A 230 -0.62 6.15 -7.56
CA ASN A 230 -2.07 6.35 -7.49
C ASN A 230 -2.61 5.32 -6.51
N PRO A 231 -3.24 5.77 -5.41
CA PRO A 231 -3.74 7.12 -5.14
C PRO A 231 -2.82 8.05 -4.32
N THR A 232 -1.68 7.59 -3.82
CA THR A 232 -0.74 8.49 -3.15
C THR A 232 0.73 8.21 -3.46
N PRO A 233 1.52 9.28 -3.64
CA PRO A 233 1.13 10.69 -3.54
C PRO A 233 0.72 11.33 -4.87
N ILE A 234 0.61 10.51 -5.91
CA ILE A 234 0.37 10.94 -7.30
C ILE A 234 1.62 11.51 -7.97
N ALA A 235 2.07 10.84 -9.03
CA ALA A 235 3.20 11.30 -9.82
C ALA A 235 2.89 12.68 -10.36
N PHE A 236 3.92 13.48 -10.59
CA PHE A 236 3.71 14.82 -11.15
C PHE A 236 4.88 15.30 -12.00
N THR A 237 4.58 16.24 -12.88
CA THR A 237 5.59 16.88 -13.71
C THR A 237 5.31 18.39 -13.68
N TYR A 238 5.84 19.12 -14.65
CA TYR A 238 5.56 20.56 -14.74
C TYR A 238 4.98 20.95 -16.10
N PHE A 239 4.05 21.90 -16.07
CA PHE A 239 3.44 22.42 -17.29
C PHE A 239 3.24 23.93 -17.19
N GLU A 240 3.91 24.68 -18.06
CA GLU A 240 3.83 26.15 -18.07
C GLU A 240 4.21 26.74 -16.70
N GLY A 241 5.23 26.18 -16.08
CA GLY A 241 5.73 26.67 -14.81
C GLY A 241 5.06 26.13 -13.56
N GLN A 242 3.96 25.39 -13.74
CA GLN A 242 3.17 24.89 -12.62
C GLN A 242 3.25 23.37 -12.51
N PRO A 243 3.18 22.84 -11.28
CA PRO A 243 3.13 21.39 -11.12
C PRO A 243 1.86 20.79 -11.72
N MSE A 244 1.99 19.62 -12.33
CA MSE A 244 0.85 18.93 -12.93
C MSE A 244 0.85 17.47 -12.51
O MSE A 244 1.75 16.71 -12.88
CB MSE A 244 0.90 19.04 -14.46
CG MSE A 244 -0.22 18.31 -15.16
SE MSE A 244 -0.02 18.24 -17.12
CE MSE A 244 1.57 17.15 -17.26
N ARG A 245 -0.15 17.08 -11.73
CA ARG A 245 -0.22 15.71 -11.24
C ARG A 245 -0.81 14.82 -12.34
N ILE A 246 -0.22 13.65 -12.51
CA ILE A 246 -0.63 12.71 -13.55
C ILE A 246 -1.28 11.51 -12.88
N TRP A 247 -2.59 11.39 -13.04
CA TRP A 247 -3.37 10.36 -12.37
C TRP A 247 -3.49 9.08 -13.18
N ARG A 248 -3.64 9.22 -14.49
CA ARG A 248 -3.80 8.06 -15.37
C ARG A 248 -2.96 8.24 -16.63
N ALA A 249 -2.26 7.20 -17.04
CA ALA A 249 -1.43 7.26 -18.23
C ALA A 249 -1.31 5.87 -18.85
N THR A 250 -0.85 5.81 -20.10
CA THR A 250 -0.53 4.53 -20.74
C THR A 250 0.71 4.70 -21.62
N VAL A 251 1.36 3.58 -21.93
CA VAL A 251 2.55 3.56 -22.77
C VAL A 251 2.18 3.34 -24.24
N VAL A 252 2.84 4.08 -25.12
CA VAL A 252 2.77 3.83 -26.56
C VAL A 252 4.18 3.46 -27.03
N ASP A 253 4.36 2.24 -27.50
CA ASP A 253 5.70 1.79 -27.87
C ASP A 253 6.02 2.22 -29.31
N GLU A 254 6.24 3.51 -29.48
CA GLU A 254 6.57 4.06 -30.78
C GLU A 254 7.77 4.98 -30.63
N LYS A 255 8.66 4.96 -31.61
CA LYS A 255 9.84 5.81 -31.56
C LYS A 255 9.51 7.25 -31.91
N THR A 256 10.25 8.17 -31.31
CA THR A 256 10.11 9.59 -31.60
C THR A 256 11.49 10.18 -31.88
N ASP A 257 11.52 11.23 -32.69
CA ASP A 257 12.74 12.01 -32.90
C ASP A 257 12.88 13.09 -31.81
N PHE A 258 11.84 13.26 -30.98
CA PHE A 258 11.77 14.38 -30.05
C PHE A 258 12.55 14.11 -28.74
N GLU A 259 13.03 15.19 -28.12
CA GLU A 259 13.71 15.13 -26.83
C GLU A 259 12.71 14.77 -25.73
N PRO A 260 13.22 14.24 -24.60
CA PRO A 260 12.34 13.84 -23.49
C PRO A 260 11.54 15.01 -22.95
N GLY A 261 10.26 14.77 -22.66
CA GLY A 261 9.40 15.81 -22.15
C GLY A 261 8.70 16.61 -23.25
N VAL A 262 9.12 16.44 -24.49
CA VAL A 262 8.52 17.18 -25.60
C VAL A 262 7.20 16.58 -26.09
N LEU A 263 6.20 17.45 -26.28
CA LEU A 263 4.88 17.05 -26.72
C LEU A 263 4.91 16.44 -28.13
N VAL A 264 4.37 15.23 -28.26
CA VAL A 264 4.24 14.58 -29.55
C VAL A 264 2.90 14.92 -30.21
N ASP A 265 1.82 14.84 -29.44
CA ASP A 265 0.48 15.06 -29.95
C ASP A 265 -0.49 15.25 -28.79
N ALA A 266 -1.53 16.05 -29.01
CA ALA A 266 -2.60 16.22 -28.01
C ALA A 266 -3.97 15.90 -28.59
N ASP A 267 -4.61 14.87 -28.04
CA ASP A 267 -5.87 14.37 -28.58
C ASP A 267 -6.75 13.90 -27.42
N LYS A 268 -8.05 13.74 -27.67
CA LYS A 268 -8.94 13.19 -26.66
C LYS A 268 -8.43 11.85 -26.17
N LYS A 269 -7.75 11.14 -27.07
CA LYS A 269 -7.20 9.83 -26.75
C LYS A 269 -6.00 9.95 -25.82
N GLY A 270 -5.50 11.16 -25.61
CA GLY A 270 -4.41 11.36 -24.68
C GLY A 270 -3.43 12.46 -25.04
N ILE A 271 -2.71 12.93 -24.02
CA ILE A 271 -1.62 13.87 -24.24
C ILE A 271 -0.33 13.05 -24.38
N SER A 272 0.12 12.89 -25.62
CA SER A 272 1.28 12.05 -25.91
C SER A 272 2.57 12.84 -25.75
N ILE A 273 3.46 12.35 -24.88
CA ILE A 273 4.73 13.01 -24.60
C ILE A 273 5.93 12.06 -24.81
N ALA A 274 6.95 12.57 -25.48
CA ALA A 274 8.17 11.79 -25.71
C ALA A 274 8.93 11.55 -24.41
N ALA A 275 9.28 10.29 -24.14
CA ALA A 275 10.12 9.97 -23.00
C ALA A 275 11.49 9.57 -23.52
N GLY A 276 12.36 9.05 -22.65
CA GLY A 276 13.69 8.64 -23.07
C GLY A 276 13.61 7.50 -24.08
N SER A 277 12.52 6.74 -24.00
CA SER A 277 12.19 5.75 -25.01
C SER A 277 10.68 5.57 -25.03
N GLY A 278 10.10 5.47 -26.22
CA GLY A 278 8.67 5.33 -26.34
C GLY A 278 7.95 6.63 -26.01
N ILE A 279 6.64 6.55 -25.80
CA ILE A 279 5.81 7.70 -25.59
C ILE A 279 4.90 7.43 -24.39
N LEU A 280 4.72 8.42 -23.51
CA LEU A 280 3.72 8.31 -22.44
C LEU A 280 2.51 9.15 -22.79
N ARG A 281 1.33 8.55 -22.65
CA ARG A 281 0.10 9.23 -23.00
C ARG A 281 -0.68 9.55 -21.72
N LEU A 282 -0.93 10.83 -21.48
CA LEU A 282 -1.69 11.25 -20.29
C LEU A 282 -3.18 11.20 -20.54
N HIS A 283 -3.93 10.57 -19.63
CA HIS A 283 -5.38 10.45 -19.76
C HIS A 283 -6.15 11.27 -18.73
N GLN A 284 -5.63 11.32 -17.51
CA GLN A 284 -6.24 12.09 -16.45
C GLN A 284 -5.14 12.84 -15.71
N LEU A 285 -5.33 14.15 -15.54
CA LEU A 285 -4.27 15.00 -15.01
C LEU A 285 -4.89 16.09 -14.15
N GLN A 286 -4.05 16.86 -13.46
CA GLN A 286 -4.57 17.81 -12.50
C GLN A 286 -3.67 19.01 -12.30
N LEU A 287 -4.19 20.19 -12.62
CA LEU A 287 -3.49 21.44 -12.36
C LEU A 287 -3.80 21.95 -10.96
N PRO A 288 -2.96 22.86 -10.43
CA PRO A 288 -3.08 23.30 -9.02
C PRO A 288 -4.48 23.81 -8.65
N GLY A 289 -5.05 23.24 -7.60
CA GLY A 289 -6.33 23.74 -7.10
C GLY A 289 -7.49 23.49 -8.04
N LYS A 290 -7.31 22.55 -8.96
CA LYS A 290 -8.36 22.19 -9.91
C LYS A 290 -8.72 20.73 -9.77
N ARG A 291 -9.94 20.39 -10.16
CA ARG A 291 -10.36 18.99 -10.22
C ARG A 291 -9.52 18.24 -11.25
N VAL A 292 -9.35 16.94 -11.03
CA VAL A 292 -8.74 16.07 -12.04
C VAL A 292 -9.57 16.12 -13.33
N CYS A 293 -8.88 16.22 -14.47
CA CYS A 293 -9.55 16.36 -15.77
C CYS A 293 -8.99 15.41 -16.84
N SER A 294 -9.82 15.09 -17.82
CA SER A 294 -9.45 14.21 -18.92
C SER A 294 -8.51 14.94 -19.86
N ALA A 295 -7.84 14.19 -20.74
CA ALA A 295 -7.02 14.80 -21.78
C ALA A 295 -7.86 15.75 -22.65
N GLY A 296 -9.09 15.37 -22.96
CA GLY A 296 -9.96 16.19 -23.79
C GLY A 296 -10.31 17.52 -23.14
N ASP A 297 -10.69 17.45 -21.87
CA ASP A 297 -11.00 18.63 -21.07
C ASP A 297 -9.81 19.61 -21.07
N PHE A 298 -8.63 19.06 -20.80
CA PHE A 298 -7.37 19.81 -20.75
C PHE A 298 -7.10 20.54 -22.05
N ILE A 299 -7.29 19.86 -23.18
CA ILE A 299 -7.13 20.47 -24.50
C ILE A 299 -8.13 21.61 -24.72
N ASN A 300 -9.35 21.43 -24.25
CA ASN A 300 -10.36 22.48 -24.39
C ASN A 300 -9.94 23.75 -23.66
N ALA A 301 -9.34 23.57 -22.48
CA ALA A 301 -8.95 24.69 -21.64
C ALA A 301 -7.60 25.31 -22.01
N HIS A 302 -6.65 24.48 -22.43
CA HIS A 302 -5.27 24.92 -22.55
C HIS A 302 -4.65 24.55 -23.89
N GLY A 303 -5.50 24.22 -24.87
CA GLY A 303 -5.03 23.74 -26.15
C GLY A 303 -4.11 24.68 -26.89
N ASP A 304 -4.36 25.98 -26.73
CA ASP A 304 -3.55 27.00 -27.37
C ASP A 304 -2.10 27.00 -26.88
N LYS A 305 -1.85 26.29 -25.78
CA LYS A 305 -0.49 26.19 -25.24
C LYS A 305 0.11 24.81 -25.49
N LEU A 306 -0.51 24.04 -26.40
CA LEU A 306 -0.01 22.69 -26.70
C LEU A 306 0.55 22.63 -28.12
N ILE A 307 1.86 22.82 -28.23
CA ILE A 307 2.52 22.89 -29.53
C ILE A 307 3.44 21.70 -29.74
N PRO A 308 2.99 20.74 -30.56
CA PRO A 308 3.78 19.52 -30.83
C PRO A 308 5.19 19.88 -31.26
N GLY A 309 6.19 19.21 -30.69
CA GLY A 309 7.56 19.43 -31.06
C GLY A 309 8.21 20.61 -30.35
N LYS A 310 7.41 21.35 -29.59
CA LYS A 310 7.89 22.56 -28.92
C LYS A 310 7.58 22.60 -27.42
N THR A 311 6.35 22.30 -27.05
CA THR A 311 5.85 22.58 -25.70
C THR A 311 6.75 22.27 -24.47
N VAL A 312 7.10 21.01 -24.25
CA VAL A 312 7.99 20.60 -23.14
C VAL A 312 7.36 20.51 -21.73
N PHE A 313 7.35 19.30 -21.18
CA PHE A 313 6.87 19.05 -19.83
C PHE A 313 8.04 18.77 -18.90
N GLY A 314 7.95 19.23 -17.66
CA GLY A 314 8.99 18.99 -16.66
C GLY A 314 10.04 20.10 -16.57
K K B . -16.19 -13.93 16.15
#